data_7D12
#
_entry.id   7D12
#
loop_
_entity.id
_entity.type
_entity.pdbx_description
1 polymer "RNA (5'-R(*GP*CP*AP*GP*CP*AP*GP*CP*UP*UP*CP*GP*GP*CP*AP*GP*CP*AP*GP*C)-3')"
2 non-polymer "N'-{(Z)-amino[4-(amino{[3-(dimethylammonio)propyl]iminio}methyl)phenyl]methylidene}-N,N-dimethylpropane-1,3-diaminium"
3 non-polymer 'SODIUM ION'
#
_entity_poly.entity_id   1
_entity_poly.type   'polyribonucleotide'
_entity_poly.pdbx_seq_one_letter_code
;GCAGCAGCUUCGGCAGCAGC
;
_entity_poly.pdbx_strand_id   A
#